data_5HV6
#
_entry.id   5HV6
#
_cell.length_a   85.007
_cell.length_b   86.177
_cell.length_c   100.304
_cell.angle_alpha   90.00
_cell.angle_beta   90.00
_cell.angle_gamma   90.00
#
_symmetry.space_group_name_H-M   'P 21 21 21'
#
loop_
_entity.id
_entity.type
_entity.pdbx_description
1 polymer 'Phosphoenolpyruvate synthase'
2 water water
#
_entity_poly.entity_id   1
_entity_poly.type   'polypeptide(L)'
_entity_poly.pdbx_seq_one_letter_code
;MRGSHHHHHHGSMKPYVLKFQEIRPHSEALVGGKGMNLGACSNIEGVHVPAGFCLTTEAYKRTLAENNEFTQLLQRLSSL
KTSDMDAIREISETIRTLIQHTQIPSEIASYMDATLLDVGGYEMPFAVRSSATAEDLPHASFAGQHDTYLNIIGKDALLQ
HISMCWASLFTERAIIYRIQNQFDHRKVQLAVVIQQMISPEASGILFTADPITSNRKSLSIDASFGLGEALVSGLVSADS
YTVRENTITNKIIATKKLAIYSLKEGGTETRILEKSQQTKQTLTDQQIIQLAKLGRKIEAYFGKPQDIEWCLAEGAFYIV
QSRPITT
;
_entity_poly.pdbx_strand_id   A,B
#
# COMPACT_ATOMS: atom_id res chain seq x y z
N LYS A 14 -7.38 -0.10 -15.45
CA LYS A 14 -8.37 0.33 -16.39
C LYS A 14 -9.78 0.01 -15.97
N PRO A 15 -10.08 -1.24 -15.67
CA PRO A 15 -11.44 -1.65 -15.34
C PRO A 15 -11.94 -1.13 -14.04
N TYR A 16 -13.23 -1.22 -13.82
CA TYR A 16 -13.78 -0.76 -12.57
C TYR A 16 -14.20 -1.96 -11.77
N VAL A 17 -14.62 -3.00 -12.45
CA VAL A 17 -15.03 -4.19 -11.79
C VAL A 17 -14.40 -5.38 -12.42
N LEU A 18 -14.26 -6.46 -11.69
CA LEU A 18 -13.67 -7.65 -12.20
C LEU A 18 -14.39 -8.77 -11.56
N LYS A 19 -14.44 -9.92 -12.19
CA LYS A 19 -15.14 -11.06 -11.68
C LYS A 19 -14.03 -11.80 -11.13
N PHE A 20 -14.25 -12.50 -10.04
CA PHE A 20 -13.19 -13.16 -9.36
C PHE A 20 -12.48 -14.14 -10.21
N GLN A 21 -13.18 -15.02 -10.91
CA GLN A 21 -12.51 -16.01 -11.74
C GLN A 21 -11.64 -15.38 -12.84
N GLU A 22 -12.14 -14.30 -13.44
CA GLU A 22 -11.43 -13.60 -14.50
C GLU A 22 -10.08 -12.95 -14.13
N ILE A 23 -10.00 -12.39 -12.93
CA ILE A 23 -8.78 -11.70 -12.47
C ILE A 23 -7.51 -12.55 -12.36
N ARG A 24 -6.39 -11.94 -12.71
CA ARG A 24 -5.06 -12.56 -12.67
C ARG A 24 -4.06 -11.59 -12.03
N PRO A 25 -2.96 -12.14 -11.52
CA PRO A 25 -1.89 -11.35 -10.93
C PRO A 25 -1.12 -10.57 -12.01
N HIS A 26 -0.65 -9.36 -11.71
CA HIS A 26 -0.84 -8.76 -10.40
C HIS A 26 -2.09 -7.91 -10.37
N SER A 27 -3.15 -8.47 -9.80
CA SER A 27 -4.42 -7.76 -9.67
C SER A 27 -4.44 -7.00 -8.34
N GLU A 28 -3.37 -7.19 -7.55
CA GLU A 28 -3.22 -6.55 -6.26
C GLU A 28 -3.16 -5.04 -6.37
N ALA A 29 -2.47 -4.52 -7.38
CA ALA A 29 -2.38 -3.10 -7.47
C ALA A 29 -3.77 -2.59 -7.65
N LEU A 30 -4.57 -3.34 -8.40
CA LEU A 30 -5.94 -2.98 -8.73
C LEU A 30 -7.06 -3.49 -7.86
N VAL A 31 -6.98 -4.74 -7.43
CA VAL A 31 -8.03 -5.32 -6.64
C VAL A 31 -7.78 -5.56 -5.19
N GLY A 32 -6.66 -5.13 -4.67
CA GLY A 32 -6.38 -5.30 -3.26
C GLY A 32 -5.87 -6.69 -2.92
N GLY A 33 -5.38 -6.86 -1.71
CA GLY A 33 -4.96 -8.16 -1.28
C GLY A 33 -6.01 -9.19 -1.18
N LYS A 34 -7.13 -8.85 -0.59
CA LYS A 34 -8.22 -9.75 -0.36
C LYS A 34 -8.84 -10.23 -1.61
N GLY A 35 -9.11 -9.32 -2.51
CA GLY A 35 -9.57 -9.67 -3.84
C GLY A 35 -8.56 -10.46 -4.64
N MET A 36 -7.28 -10.15 -4.46
CA MET A 36 -6.20 -10.95 -5.05
C MET A 36 -6.30 -12.42 -4.65
N ASN A 37 -6.39 -12.68 -3.34
CA ASN A 37 -6.48 -14.04 -2.78
C ASN A 37 -7.73 -14.77 -3.19
N LEU A 38 -8.81 -14.04 -3.31
CA LEU A 38 -10.10 -14.59 -3.70
C LEU A 38 -10.15 -15.05 -5.10
N GLY A 39 -9.56 -14.26 -5.97
CA GLY A 39 -9.50 -14.58 -7.36
C GLY A 39 -8.64 -15.77 -7.57
N ALA A 40 -7.57 -15.80 -6.81
CA ALA A 40 -6.60 -16.86 -6.81
C ALA A 40 -7.25 -18.14 -6.39
N CYS A 41 -8.11 -18.03 -5.42
CA CYS A 41 -8.84 -19.14 -4.93
C CYS A 41 -9.85 -19.60 -5.93
N SER A 42 -10.42 -18.65 -6.63
CA SER A 42 -11.46 -18.92 -7.55
C SER A 42 -11.00 -19.86 -8.55
N ASN A 43 -9.71 -19.76 -8.86
CA ASN A 43 -9.05 -20.58 -9.89
C ASN A 43 -8.96 -22.10 -9.74
N ILE A 44 -8.69 -22.60 -8.53
CA ILE A 44 -8.53 -24.05 -8.38
C ILE A 44 -9.81 -24.81 -8.76
N GLU A 45 -10.95 -24.33 -8.29
CA GLU A 45 -12.23 -24.94 -8.61
C GLU A 45 -12.87 -26.33 -8.46
N GLY A 46 -12.91 -26.87 -7.26
CA GLY A 46 -13.42 -25.97 -6.23
C GLY A 46 -13.38 -26.62 -4.86
N VAL A 47 -13.00 -25.87 -3.83
CA VAL A 47 -12.55 -24.48 -3.96
C VAL A 47 -13.54 -23.58 -4.69
N HIS A 48 -14.83 -23.76 -4.43
CA HIS A 48 -15.79 -22.94 -5.07
C HIS A 48 -15.64 -21.71 -4.25
N VAL A 49 -16.00 -20.59 -4.82
CA VAL A 49 -15.92 -19.36 -4.11
C VAL A 49 -17.18 -18.61 -4.31
N PRO A 50 -17.60 -17.91 -3.20
CA PRO A 50 -18.84 -17.20 -3.39
C PRO A 50 -18.80 -16.30 -4.56
N ALA A 51 -19.82 -16.41 -5.38
CA ALA A 51 -19.99 -15.61 -6.57
C ALA A 51 -19.92 -14.13 -6.22
N GLY A 52 -19.38 -13.34 -7.13
CA GLY A 52 -19.35 -11.93 -6.92
C GLY A 52 -18.42 -11.29 -7.91
N PHE A 53 -18.06 -10.05 -7.62
CA PHE A 53 -17.07 -9.35 -8.40
C PHE A 53 -16.22 -8.51 -7.46
N CYS A 54 -15.40 -7.63 -8.02
CA CYS A 54 -14.52 -6.84 -7.19
C CYS A 54 -14.38 -5.45 -7.76
N LEU A 55 -15.08 -4.48 -7.19
CA LEU A 55 -14.96 -3.09 -7.61
C LEU A 55 -13.53 -2.63 -7.46
N THR A 56 -12.99 -1.99 -8.49
CA THR A 56 -11.55 -1.74 -8.59
C THR A 56 -11.13 -0.42 -7.92
N THR A 57 -9.84 -0.24 -7.69
CA THR A 57 -9.33 1.02 -7.20
C THR A 57 -9.58 2.16 -8.20
N GLU A 58 -9.93 1.81 -9.44
CA GLU A 58 -10.12 2.93 -10.36
C GLU A 58 -11.54 3.46 -10.22
N ALA A 59 -12.39 2.78 -9.48
CA ALA A 59 -13.61 3.43 -9.04
C ALA A 59 -13.28 4.46 -7.96
N TYR A 60 -12.45 4.13 -7.01
CA TYR A 60 -12.11 5.06 -5.99
C TYR A 60 -11.47 6.23 -6.65
N LYS A 61 -10.59 5.97 -7.60
CA LYS A 61 -9.93 7.04 -8.31
C LYS A 61 -10.82 7.86 -9.15
N ARG A 62 -11.67 7.22 -9.94
CA ARG A 62 -12.63 7.95 -10.73
C ARG A 62 -13.73 8.65 -9.96
N THR A 63 -14.24 8.02 -8.91
CA THR A 63 -15.18 8.62 -8.01
C THR A 63 -14.66 9.70 -7.10
N LEU A 64 -13.59 9.46 -6.38
CA LEU A 64 -13.07 10.46 -5.48
C LEU A 64 -11.78 10.95 -5.98
N ALA A 65 -11.06 10.04 -6.61
CA ALA A 65 -9.83 10.27 -7.32
C ALA A 65 -10.67 11.27 -8.08
N GLU A 66 -10.00 12.29 -8.55
CA GLU A 66 -10.36 13.18 -9.61
C GLU A 66 -11.54 13.93 -9.08
N ASN A 67 -11.34 14.66 -8.02
CA ASN A 67 -12.35 15.58 -7.53
C ASN A 67 -11.68 16.72 -6.85
N ASN A 68 -12.40 17.78 -6.59
CA ASN A 68 -11.75 19.03 -6.24
C ASN A 68 -11.99 19.54 -4.83
N GLU A 69 -13.18 19.33 -4.29
CA GLU A 69 -13.37 19.71 -2.93
C GLU A 69 -12.39 18.80 -2.19
N PHE A 70 -12.45 17.53 -2.58
CA PHE A 70 -11.67 16.47 -2.01
C PHE A 70 -10.17 16.54 -2.11
N THR A 71 -9.62 16.81 -3.26
CA THR A 71 -8.20 16.82 -3.38
C THR A 71 -7.58 17.92 -2.58
N GLN A 72 -8.16 19.11 -2.60
CA GLN A 72 -7.58 20.18 -1.83
C GLN A 72 -7.77 19.83 -0.39
N LEU A 73 -8.84 19.14 -0.06
CA LEU A 73 -9.04 18.76 1.34
C LEU A 73 -7.93 17.82 1.79
N LEU A 74 -7.59 16.92 0.90
CA LEU A 74 -6.57 15.97 1.16
C LEU A 74 -5.31 16.70 1.38
N GLN A 75 -5.06 17.72 0.58
CA GLN A 75 -3.84 18.51 0.71
C GLN A 75 -3.78 19.25 2.03
N ARG A 76 -4.92 19.74 2.46
CA ARG A 76 -5.03 20.46 3.69
C ARG A 76 -4.57 19.55 4.75
N LEU A 77 -4.86 18.28 4.60
CA LEU A 77 -4.41 17.31 5.62
C LEU A 77 -2.89 17.12 5.82
N SER A 78 -2.10 16.87 4.79
CA SER A 78 -0.68 16.67 4.96
C SER A 78 0.02 17.88 5.56
N SER A 79 -0.68 19.00 5.60
CA SER A 79 -0.25 20.16 6.35
C SER A 79 -0.61 19.84 7.77
N LEU A 80 -0.33 18.62 8.17
CA LEU A 80 -0.81 18.14 9.44
C LEU A 80 0.30 17.97 10.46
N LYS A 81 0.00 17.17 11.45
CA LYS A 81 0.97 16.76 12.43
C LYS A 81 0.18 15.67 13.09
N THR A 82 0.78 14.97 14.03
CA THR A 82 0.07 14.17 14.98
C THR A 82 -0.47 15.05 16.06
N SER A 83 0.06 16.26 16.17
CA SER A 83 -0.26 17.15 17.29
C SER A 83 -1.05 18.38 16.90
N ASP A 84 -1.97 18.22 15.97
CA ASP A 84 -2.92 19.27 15.65
C ASP A 84 -4.32 18.76 15.90
N MET A 85 -4.49 18.06 17.01
CA MET A 85 -5.73 17.40 17.38
C MET A 85 -7.20 17.75 17.21
N ASP A 86 -7.56 18.97 17.55
CA ASP A 86 -8.94 19.44 17.60
C ASP A 86 -9.34 19.77 16.17
N ALA A 87 -8.37 19.69 15.27
CA ALA A 87 -8.61 20.04 13.88
C ALA A 87 -8.86 18.85 12.95
N ILE A 88 -7.92 17.93 12.89
CA ILE A 88 -8.10 16.74 12.11
C ILE A 88 -9.33 16.01 12.57
N ARG A 89 -9.94 16.38 13.69
CA ARG A 89 -11.24 15.80 14.02
C ARG A 89 -12.38 16.31 13.14
N GLU A 90 -12.46 17.62 13.06
CA GLU A 90 -13.44 18.24 12.23
C GLU A 90 -13.11 17.97 10.82
N ILE A 91 -11.83 17.98 10.55
CA ILE A 91 -11.37 17.80 9.21
C ILE A 91 -11.74 16.42 8.74
N SER A 92 -11.56 15.46 9.62
CA SER A 92 -11.87 14.10 9.28
C SER A 92 -13.32 14.03 9.00
N GLU A 93 -14.12 14.69 9.83
CA GLU A 93 -15.55 14.57 9.67
C GLU A 93 -15.89 15.07 8.32
N THR A 94 -15.26 16.15 7.92
CA THR A 94 -15.52 16.73 6.62
C THR A 94 -15.16 15.88 5.43
N ILE A 95 -13.99 15.24 5.45
CA ILE A 95 -13.66 14.36 4.35
C ILE A 95 -14.68 13.29 4.31
N ARG A 96 -15.05 12.81 5.48
CA ARG A 96 -15.94 11.69 5.53
C ARG A 96 -17.28 12.03 4.95
N THR A 97 -17.80 13.19 5.31
CA THR A 97 -19.10 13.56 4.85
C THR A 97 -19.03 13.70 3.36
N LEU A 98 -17.92 14.21 2.88
CA LEU A 98 -17.74 14.39 1.45
C LEU A 98 -17.77 13.11 0.69
N ILE A 99 -17.13 12.09 1.23
CA ILE A 99 -17.14 10.80 0.58
C ILE A 99 -18.54 10.29 0.52
N GLN A 100 -19.31 10.55 1.56
CA GLN A 100 -20.71 10.21 1.57
C GLN A 100 -21.52 10.93 0.53
N HIS A 101 -21.29 12.20 0.35
CA HIS A 101 -22.16 13.10 -0.39
C HIS A 101 -21.77 13.16 -1.83
N THR A 102 -20.92 12.24 -2.22
CA THR A 102 -20.39 12.20 -3.55
C THR A 102 -20.94 11.00 -4.29
N GLN A 103 -21.53 11.25 -5.44
CA GLN A 103 -22.18 10.23 -6.18
C GLN A 103 -21.15 9.43 -6.87
N ILE A 104 -21.48 8.21 -7.17
CA ILE A 104 -20.64 7.31 -7.88
C ILE A 104 -21.13 7.39 -9.28
N PRO A 105 -20.13 7.60 -10.23
CA PRO A 105 -20.62 7.90 -11.55
C PRO A 105 -21.49 6.84 -12.10
N SER A 106 -22.35 7.16 -13.04
CA SER A 106 -23.24 6.20 -13.59
C SER A 106 -22.49 5.09 -14.25
N GLU A 107 -21.40 5.40 -14.93
CA GLU A 107 -20.72 4.41 -15.71
C GLU A 107 -20.20 3.26 -14.91
N ILE A 108 -19.56 3.55 -13.80
CA ILE A 108 -19.05 2.57 -12.85
C ILE A 108 -20.22 1.80 -12.34
N ALA A 109 -21.23 2.55 -11.92
CA ALA A 109 -22.44 1.99 -11.39
C ALA A 109 -23.02 1.01 -12.37
N SER A 110 -22.89 1.31 -13.66
CA SER A 110 -23.43 0.46 -14.70
C SER A 110 -22.61 -0.82 -14.90
N TYR A 111 -21.29 -0.68 -14.96
CA TYR A 111 -20.42 -1.85 -15.05
C TYR A 111 -20.67 -2.84 -13.91
N MET A 112 -20.99 -2.36 -12.72
CA MET A 112 -21.39 -3.26 -11.66
C MET A 112 -22.54 -4.13 -12.12
N ASP A 113 -23.63 -3.47 -12.51
CA ASP A 113 -24.85 -4.15 -12.94
C ASP A 113 -24.55 -5.18 -14.02
N ALA A 114 -23.65 -4.83 -14.93
CA ALA A 114 -23.22 -5.70 -16.01
C ALA A 114 -22.79 -7.09 -15.54
N THR A 115 -21.67 -7.18 -14.83
CA THR A 115 -21.20 -8.45 -14.27
C THR A 115 -22.14 -8.98 -13.21
N LEU A 116 -22.80 -8.08 -12.49
CA LEU A 116 -23.64 -8.51 -11.41
C LEU A 116 -24.91 -9.23 -11.87
N LEU A 117 -25.33 -8.98 -13.11
CA LEU A 117 -26.58 -9.53 -13.63
C LEU A 117 -26.44 -10.93 -14.22
N ASP A 118 -25.39 -11.64 -13.86
CA ASP A 118 -25.23 -13.02 -14.33
C ASP A 118 -25.44 -13.99 -13.19
N VAL A 119 -25.09 -13.53 -11.99
CA VAL A 119 -24.96 -14.38 -10.81
C VAL A 119 -26.22 -14.67 -9.92
N GLY A 120 -27.21 -13.78 -9.79
CA GLY A 120 -27.30 -12.53 -10.50
C GLY A 120 -28.46 -11.68 -10.08
N GLY A 121 -28.35 -10.41 -10.48
CA GLY A 121 -29.30 -9.39 -10.11
C GLY A 121 -28.92 -8.90 -8.74
N TYR A 122 -29.67 -7.93 -8.25
CA TYR A 122 -29.59 -7.58 -6.84
C TYR A 122 -30.55 -8.51 -6.10
N GLU A 123 -30.75 -9.66 -6.74
CA GLU A 123 -31.53 -10.76 -6.21
C GLU A 123 -31.04 -11.08 -4.82
N MET A 124 -29.80 -11.55 -4.77
CA MET A 124 -29.19 -12.02 -3.54
C MET A 124 -28.60 -10.89 -2.69
N PRO A 125 -28.43 -11.14 -1.38
CA PRO A 125 -27.78 -10.14 -0.53
C PRO A 125 -26.25 -10.27 -0.57
N PHE A 126 -25.54 -9.14 -0.68
CA PHE A 126 -24.08 -9.12 -0.76
C PHE A 126 -23.42 -8.82 0.56
N ALA A 127 -22.19 -9.32 0.69
CA ALA A 127 -21.21 -8.88 1.71
C ALA A 127 -20.26 -7.86 1.10
N VAL A 128 -20.13 -6.70 1.74
CA VAL A 128 -19.26 -5.67 1.21
C VAL A 128 -18.01 -5.50 2.09
N ARG A 129 -16.89 -6.07 1.61
CA ARG A 129 -15.63 -6.12 2.32
C ARG A 129 -14.54 -5.17 1.80
N SER A 130 -14.15 -4.15 2.57
CA SER A 130 -12.92 -3.40 2.30
C SER A 130 -11.80 -4.37 1.93
N SER A 131 -11.00 -4.02 0.95
CA SER A 131 -10.00 -4.91 0.39
C SER A 131 -8.69 -4.21 0.16
N ALA A 132 -7.82 -4.26 1.15
CA ALA A 132 -6.58 -3.53 1.11
C ALA A 132 -5.50 -3.87 0.17
N THR A 133 -4.78 -2.81 -0.10
CA THR A 133 -3.64 -2.70 -0.99
C THR A 133 -2.46 -3.39 -0.37
N ALA A 134 -2.32 -3.14 0.93
CA ALA A 134 -1.29 -3.70 1.77
C ALA A 134 -1.72 -5.10 2.09
N GLU A 135 -1.53 -5.99 1.14
CA GLU A 135 -1.85 -7.39 1.24
C GLU A 135 -1.68 -7.96 2.64
N SER A 141 -3.53 -2.92 10.21
CA SER A 141 -3.92 -3.09 11.60
C SER A 141 -5.12 -2.26 11.99
N PHE A 142 -4.86 -1.05 12.41
CA PHE A 142 -5.91 -0.17 12.85
C PHE A 142 -6.29 0.79 11.75
N ALA A 143 -5.66 0.68 10.60
CA ALA A 143 -6.02 1.47 9.46
C ALA A 143 -7.37 0.96 9.01
N GLY A 144 -8.19 1.81 8.39
CA GLY A 144 -9.56 1.43 8.13
C GLY A 144 -9.75 0.68 6.84
N GLN A 145 -8.97 -0.34 6.63
CA GLN A 145 -9.06 -1.13 5.43
C GLN A 145 -9.57 -2.50 5.72
N HIS A 146 -10.41 -2.63 6.74
CA HIS A 146 -10.99 -3.91 7.11
C HIS A 146 -12.51 -3.94 7.25
N ASP A 147 -13.19 -2.83 6.92
CA ASP A 147 -14.64 -2.83 7.04
C ASP A 147 -15.25 -3.98 6.36
N THR A 148 -16.17 -4.63 7.01
CA THR A 148 -16.86 -5.74 6.44
C THR A 148 -18.19 -5.24 6.75
N TYR A 149 -19.09 -5.54 5.86
CA TYR A 149 -20.52 -5.15 6.00
C TYR A 149 -21.42 -6.27 5.46
N LEU A 150 -22.33 -6.76 6.28
CA LEU A 150 -23.02 -8.00 5.92
C LEU A 150 -24.43 -7.79 5.39
N ASN A 151 -24.86 -8.70 4.52
CA ASN A 151 -26.26 -8.78 4.14
C ASN A 151 -26.82 -7.47 3.61
N ILE A 152 -26.13 -6.91 2.63
CA ILE A 152 -26.62 -5.70 1.98
C ILE A 152 -27.44 -6.10 0.73
N ILE A 153 -28.73 -5.70 0.70
CA ILE A 153 -29.68 -6.03 -0.39
C ILE A 153 -29.93 -4.87 -1.38
N GLY A 154 -29.69 -5.13 -2.66
CA GLY A 154 -30.06 -4.18 -3.69
C GLY A 154 -29.11 -3.02 -3.97
N LYS A 155 -29.10 -2.59 -5.23
CA LYS A 155 -28.14 -1.62 -5.76
C LYS A 155 -27.99 -0.34 -4.94
N ASP A 156 -29.07 0.39 -4.73
CA ASP A 156 -28.96 1.70 -4.09
C ASP A 156 -28.22 1.56 -2.77
N ALA A 157 -28.40 0.43 -2.09
CA ALA A 157 -27.91 0.20 -0.73
C ALA A 157 -26.42 -0.13 -0.66
N LEU A 158 -25.90 -0.76 -1.71
CA LEU A 158 -24.49 -1.08 -1.71
C LEU A 158 -23.70 -0.01 -2.42
N LEU A 159 -24.39 0.90 -3.10
CA LEU A 159 -23.73 2.09 -3.56
C LEU A 159 -23.38 2.92 -2.34
N GLN A 160 -24.09 2.66 -1.26
CA GLN A 160 -23.94 3.42 -0.05
C GLN A 160 -22.79 2.89 0.77
N HIS A 161 -22.71 1.56 0.85
CA HIS A 161 -21.68 0.94 1.68
C HIS A 161 -20.33 1.00 1.03
N ILE A 162 -20.31 0.77 -0.27
CA ILE A 162 -19.12 1.01 -1.05
C ILE A 162 -18.59 2.35 -0.59
N SER A 163 -19.46 3.35 -0.55
CA SER A 163 -19.03 4.68 -0.15
C SER A 163 -18.61 4.73 1.34
N MET A 164 -19.14 3.84 2.15
CA MET A 164 -18.79 3.86 3.57
C MET A 164 -17.40 3.25 3.80
N CYS A 165 -17.07 2.23 2.99
CA CYS A 165 -15.75 1.62 3.06
C CYS A 165 -14.68 2.64 2.77
N TRP A 166 -14.83 3.34 1.65
CA TRP A 166 -13.95 4.43 1.29
C TRP A 166 -13.82 5.43 2.41
N ALA A 167 -14.95 5.73 3.02
CA ALA A 167 -15.03 6.77 4.04
C ALA A 167 -14.32 6.38 5.33
N SER A 168 -14.20 5.07 5.55
CA SER A 168 -13.57 4.57 6.77
C SER A 168 -12.10 4.99 6.83
N LEU A 169 -11.47 5.08 5.67
CA LEU A 169 -10.09 5.53 5.56
C LEU A 169 -9.80 6.92 6.15
N PHE A 170 -10.83 7.67 6.50
CA PHE A 170 -10.58 9.04 6.91
C PHE A 170 -11.23 9.33 8.25
N THR A 171 -11.28 8.28 9.07
CA THR A 171 -11.59 8.39 10.49
C THR A 171 -10.34 8.84 11.25
N GLU A 172 -10.51 9.56 12.35
CA GLU A 172 -9.35 10.01 13.13
C GLU A 172 -8.36 8.90 13.46
N ARG A 173 -8.84 7.68 13.72
CA ARG A 173 -7.96 6.58 14.10
C ARG A 173 -7.11 6.14 12.93
N ALA A 174 -7.73 6.10 11.76
CA ALA A 174 -7.02 5.75 10.55
C ALA A 174 -6.09 6.89 10.12
N ILE A 175 -6.52 8.13 10.38
CA ILE A 175 -5.69 9.29 10.05
C ILE A 175 -4.56 9.44 11.07
N ILE A 176 -4.80 9.02 12.30
CA ILE A 176 -3.72 8.90 13.27
C ILE A 176 -2.70 7.88 12.79
N TYR A 177 -3.14 6.63 12.63
CA TYR A 177 -2.26 5.55 12.25
C TYR A 177 -1.45 5.80 10.98
N ARG A 178 -1.94 6.63 10.06
CA ARG A 178 -1.18 6.89 8.82
C ARG A 178 -0.06 7.91 9.00
N ILE A 179 -0.30 8.94 9.80
CA ILE A 179 0.76 9.89 10.11
C ILE A 179 1.86 9.21 10.95
N GLN A 180 1.45 8.44 11.97
CA GLN A 180 2.36 7.70 12.86
C GLN A 180 3.35 6.82 12.12
N ASN A 181 2.88 6.13 11.09
CA ASN A 181 3.74 5.24 10.33
C ASN A 181 4.16 5.84 9.00
N GLN A 182 3.96 7.16 8.87
CA GLN A 182 4.30 7.90 7.67
C GLN A 182 3.90 7.15 6.38
N PHE A 183 2.62 6.81 6.28
CA PHE A 183 2.01 6.46 4.99
C PHE A 183 1.42 7.77 4.50
N ASP A 184 1.34 7.98 3.20
CA ASP A 184 0.79 9.27 2.78
C ASP A 184 -0.57 9.06 2.17
N HIS A 185 -1.47 9.99 2.48
CA HIS A 185 -2.88 9.85 2.18
C HIS A 185 -3.20 9.96 0.70
N ARG A 186 -2.50 10.86 0.00
CA ARG A 186 -2.70 11.00 -1.44
C ARG A 186 -2.55 9.67 -2.17
N LYS A 187 -1.87 8.71 -1.54
CA LYS A 187 -1.70 7.39 -2.15
C LYS A 187 -2.67 6.35 -1.59
N VAL A 188 -3.50 6.74 -0.62
CA VAL A 188 -4.46 5.79 -0.07
C VAL A 188 -5.51 5.55 -1.14
N GLN A 189 -5.76 4.28 -1.48
CA GLN A 189 -6.75 3.83 -2.49
C GLN A 189 -7.43 2.73 -1.70
N LEU A 190 -8.67 2.38 -1.99
CA LEU A 190 -9.35 1.30 -1.28
C LEU A 190 -10.12 0.56 -2.39
N ALA A 191 -10.02 -0.75 -2.46
CA ALA A 191 -10.74 -1.53 -3.41
C ALA A 191 -11.70 -2.38 -2.59
N VAL A 192 -12.95 -2.41 -3.01
CA VAL A 192 -14.06 -3.09 -2.37
C VAL A 192 -14.40 -4.37 -3.09
N VAL A 193 -14.52 -5.44 -2.33
CA VAL A 193 -14.84 -6.78 -2.77
C VAL A 193 -16.27 -7.06 -2.46
N ILE A 194 -17.08 -7.57 -3.37
CA ILE A 194 -18.49 -7.80 -3.10
C ILE A 194 -18.80 -9.23 -3.34
N GLN A 195 -19.36 -9.95 -2.40
CA GLN A 195 -19.62 -11.35 -2.56
C GLN A 195 -21.10 -11.56 -2.36
N GLN A 196 -21.68 -12.55 -2.95
CA GLN A 196 -23.05 -12.81 -2.68
C GLN A 196 -23.00 -13.75 -1.56
N MET A 197 -23.89 -13.59 -0.62
CA MET A 197 -23.61 -14.30 0.56
C MET A 197 -24.52 -15.43 0.46
N ILE A 198 -23.99 -16.59 0.78
CA ILE A 198 -24.92 -17.65 0.92
C ILE A 198 -25.28 -17.78 2.40
N SER A 199 -26.38 -18.49 2.67
CA SER A 199 -26.89 -18.77 4.00
C SER A 199 -26.26 -20.04 4.56
N PRO A 200 -25.54 -19.97 5.69
CA PRO A 200 -24.73 -21.09 6.19
C PRO A 200 -25.40 -22.12 7.08
N GLU A 201 -25.09 -23.39 6.82
CA GLU A 201 -25.37 -24.47 7.77
C GLU A 201 -24.34 -24.39 8.87
N ALA A 202 -23.08 -24.13 8.48
CA ALA A 202 -21.97 -23.89 9.40
C ALA A 202 -21.00 -22.76 8.94
N SER A 203 -20.15 -22.27 9.84
CA SER A 203 -19.17 -21.24 9.53
C SER A 203 -17.92 -21.52 10.31
N GLY A 204 -16.78 -21.03 9.86
CA GLY A 204 -15.60 -21.30 10.66
C GLY A 204 -14.32 -20.70 10.15
N ILE A 205 -13.24 -21.03 10.83
CA ILE A 205 -11.92 -20.62 10.44
C ILE A 205 -11.09 -21.88 10.24
N LEU A 206 -9.97 -21.79 9.55
CA LEU A 206 -9.09 -22.93 9.49
C LEU A 206 -7.68 -22.39 9.42
N PHE A 207 -6.81 -22.81 10.33
CA PHE A 207 -5.37 -22.53 10.23
C PHE A 207 -4.70 -23.79 9.77
N THR A 208 -3.83 -23.73 8.76
CA THR A 208 -3.19 -24.95 8.31
C THR A 208 -1.88 -25.11 9.03
N ALA A 209 -1.75 -24.36 10.12
CA ALA A 209 -0.57 -24.38 10.99
C ALA A 209 -0.94 -24.02 12.44
N ASP A 210 -0.48 -24.85 13.37
CA ASP A 210 -0.50 -24.54 14.78
C ASP A 210 -0.15 -23.06 14.85
N PRO A 211 -1.03 -22.21 15.33
CA PRO A 211 -0.76 -20.80 15.26
C PRO A 211 0.19 -20.33 16.30
N ILE A 212 0.47 -21.15 17.29
CA ILE A 212 1.35 -20.66 18.33
C ILE A 212 2.75 -21.09 18.03
N THR A 213 2.91 -22.29 17.55
CA THR A 213 4.18 -22.88 17.42
C THR A 213 4.63 -22.83 16.01
N SER A 214 3.72 -22.60 15.10
CA SER A 214 4.03 -22.41 13.69
C SER A 214 4.26 -23.67 12.90
N ASN A 215 4.04 -24.80 13.53
CA ASN A 215 4.30 -26.08 12.97
C ASN A 215 3.17 -26.53 12.11
N ARG A 216 3.43 -27.11 10.96
CA ARG A 216 2.58 -27.45 9.84
C ARG A 216 1.73 -28.67 9.90
N LYS A 217 2.05 -29.54 10.81
CA LYS A 217 1.54 -30.82 10.44
C LYS A 217 0.23 -31.01 11.10
N SER A 218 -0.21 -30.05 11.87
CA SER A 218 -1.49 -30.08 12.50
C SER A 218 -2.41 -29.02 12.02
N LEU A 219 -3.49 -29.40 11.37
CA LEU A 219 -4.45 -28.45 10.92
C LEU A 219 -5.57 -28.29 11.91
N SER A 220 -5.89 -27.05 12.23
CA SER A 220 -6.86 -26.61 13.24
C SER A 220 -8.12 -26.03 12.61
N ILE A 221 -9.32 -26.51 12.95
CA ILE A 221 -10.58 -25.94 12.43
C ILE A 221 -11.47 -25.35 13.53
N ASP A 222 -12.02 -24.16 13.34
CA ASP A 222 -13.08 -23.71 14.23
C ASP A 222 -14.39 -23.78 13.47
N ALA A 223 -15.51 -23.93 14.18
CA ALA A 223 -16.77 -24.30 13.53
C ALA A 223 -17.99 -23.98 14.36
N SER A 224 -18.80 -23.04 13.91
CA SER A 224 -20.06 -22.77 14.57
C SER A 224 -21.20 -22.79 13.55
N PHE A 225 -22.40 -22.49 14.04
CA PHE A 225 -23.59 -22.32 13.23
C PHE A 225 -23.77 -20.84 12.86
N GLY A 226 -24.57 -20.55 11.85
CA GLY A 226 -24.80 -19.15 11.49
C GLY A 226 -23.63 -18.49 10.79
N LEU A 227 -23.66 -17.16 10.65
CA LEU A 227 -22.68 -16.44 9.82
C LEU A 227 -21.25 -16.54 10.34
N GLY A 228 -20.32 -16.41 9.42
CA GLY A 228 -18.92 -16.55 9.77
C GLY A 228 -18.40 -15.37 10.54
N GLU A 229 -18.90 -14.18 10.20
CA GLU A 229 -18.39 -12.96 10.80
C GLU A 229 -18.53 -12.99 12.33
N ALA A 230 -19.56 -13.68 12.81
CA ALA A 230 -19.87 -13.69 14.23
C ALA A 230 -18.84 -14.45 15.03
N LEU A 231 -18.18 -15.42 14.39
CA LEU A 231 -17.11 -16.17 15.06
C LEU A 231 -15.79 -15.41 14.97
N VAL A 232 -15.38 -15.07 13.74
CA VAL A 232 -14.21 -14.22 13.53
C VAL A 232 -14.20 -13.02 14.48
N SER A 233 -15.30 -12.27 14.53
CA SER A 233 -15.42 -11.13 15.43
C SER A 233 -15.53 -11.51 16.89
N GLY A 234 -15.45 -12.82 17.17
CA GLY A 234 -15.45 -13.35 18.53
C GLY A 234 -16.66 -13.13 19.42
N LEU A 235 -17.87 -13.03 18.87
CA LEU A 235 -19.07 -12.88 19.68
C LEU A 235 -19.72 -14.20 20.13
N VAL A 236 -19.17 -15.33 19.66
CA VAL A 236 -19.89 -16.61 19.58
C VAL A 236 -18.93 -17.75 19.91
N SER A 237 -19.42 -18.86 20.48
CA SER A 237 -18.56 -20.01 20.80
C SER A 237 -18.47 -20.96 19.61
N ALA A 238 -17.51 -21.88 19.64
CA ALA A 238 -17.30 -22.72 18.47
C ALA A 238 -16.47 -23.99 18.74
N ASP A 239 -16.84 -25.10 18.09
CA ASP A 239 -16.10 -26.35 18.24
C ASP A 239 -14.66 -26.16 17.85
N SER A 240 -13.81 -27.15 18.12
CA SER A 240 -12.43 -27.01 17.73
C SER A 240 -11.75 -28.35 17.41
N TYR A 241 -11.80 -28.75 16.15
CA TYR A 241 -11.22 -30.03 15.74
C TYR A 241 -9.76 -29.87 15.33
N THR A 242 -8.99 -30.95 15.41
CA THR A 242 -7.59 -30.91 15.02
C THR A 242 -7.31 -32.06 14.07
N VAL A 243 -6.66 -31.78 12.94
CA VAL A 243 -6.40 -32.84 11.95
C VAL A 243 -4.92 -32.99 11.58
N ARG A 244 -4.46 -34.23 11.54
CA ARG A 244 -3.04 -34.53 11.33
C ARG A 244 -2.96 -35.69 10.37
N GLU A 245 -2.37 -35.45 9.21
CA GLU A 245 -2.55 -36.47 8.17
C GLU A 245 -3.82 -37.35 8.04
N ASN A 246 -4.92 -36.64 7.81
CA ASN A 246 -6.09 -37.44 7.53
C ASN A 246 -6.89 -38.19 8.55
N THR A 247 -6.66 -37.65 9.74
CA THR A 247 -7.27 -38.20 10.94
C THR A 247 -7.61 -37.10 11.97
N ILE A 248 -8.71 -37.32 12.69
CA ILE A 248 -9.14 -36.35 13.67
C ILE A 248 -8.45 -36.65 15.01
N THR A 249 -7.46 -35.84 15.38
CA THR A 249 -6.65 -36.12 16.57
C THR A 249 -7.29 -35.53 17.83
N ASN A 250 -8.26 -34.65 17.64
CA ASN A 250 -8.96 -34.08 18.79
C ASN A 250 -10.18 -33.36 18.27
N LYS A 251 -11.30 -33.51 18.97
CA LYS A 251 -12.44 -32.59 18.86
C LYS A 251 -12.83 -31.99 20.18
N ILE A 252 -13.35 -30.77 20.10
CA ILE A 252 -13.86 -30.06 21.25
C ILE A 252 -15.24 -29.54 20.91
N ILE A 253 -16.30 -30.18 21.39
CA ILE A 253 -17.64 -29.68 21.11
C ILE A 253 -18.01 -28.59 22.13
N ALA A 254 -18.23 -27.38 21.66
CA ALA A 254 -18.50 -26.30 22.59
C ALA A 254 -19.99 -26.19 22.83
N THR A 255 -20.39 -25.61 23.96
CA THR A 255 -21.80 -25.29 24.10
C THR A 255 -22.04 -24.01 23.33
N LYS A 256 -22.70 -24.16 22.17
CA LYS A 256 -23.04 -23.02 21.33
C LYS A 256 -24.43 -22.54 21.66
N LYS A 257 -24.52 -21.63 22.64
CA LYS A 257 -25.79 -20.99 23.02
C LYS A 257 -26.29 -20.03 21.94
N LEU A 258 -25.39 -19.23 21.37
CA LEU A 258 -25.85 -18.27 20.39
C LEU A 258 -25.29 -18.52 18.98
N ALA A 259 -25.94 -17.94 17.98
CA ALA A 259 -25.44 -17.90 16.62
C ALA A 259 -26.15 -16.76 15.90
N ILE A 260 -25.56 -16.25 14.83
CA ILE A 260 -26.09 -15.06 14.18
C ILE A 260 -26.59 -15.35 12.78
N TYR A 261 -27.75 -14.86 12.40
CA TYR A 261 -28.25 -15.08 11.05
C TYR A 261 -28.71 -13.79 10.41
N SER A 262 -28.88 -13.76 9.10
CA SER A 262 -29.22 -12.53 8.42
C SER A 262 -30.69 -12.40 8.11
N LEU A 263 -31.24 -11.25 8.46
CA LEU A 263 -32.63 -10.97 8.33
C LEU A 263 -33.02 -10.63 6.93
N LYS A 264 -34.09 -11.21 6.44
CA LYS A 264 -34.53 -11.02 5.08
C LYS A 264 -34.86 -9.59 4.83
N GLU A 265 -35.46 -8.97 5.82
CA GLU A 265 -35.73 -7.57 5.78
C GLU A 265 -34.45 -6.81 5.72
N GLY A 266 -33.46 -7.28 6.44
CA GLY A 266 -32.12 -6.74 6.43
C GLY A 266 -31.54 -6.60 7.83
N GLY A 267 -30.23 -6.51 7.94
CA GLY A 267 -29.60 -6.53 9.23
C GLY A 267 -29.28 -7.95 9.58
N THR A 268 -28.87 -8.20 10.81
CA THR A 268 -28.54 -9.52 11.28
C THR A 268 -29.24 -9.70 12.60
N GLU A 269 -29.55 -10.92 12.98
CA GLU A 269 -30.19 -11.16 14.24
C GLU A 269 -29.43 -12.20 14.94
N THR A 270 -29.45 -12.18 16.24
CA THR A 270 -28.76 -13.16 17.08
C THR A 270 -29.78 -14.13 17.68
N ARG A 271 -29.77 -15.40 17.25
CA ARG A 271 -30.72 -16.39 17.77
C ARG A 271 -30.14 -17.24 18.86
N ILE A 272 -31.00 -17.81 19.68
CA ILE A 272 -30.61 -18.73 20.74
C ILE A 272 -30.94 -20.07 20.16
N LEU A 273 -29.94 -20.95 20.15
CA LEU A 273 -30.02 -22.29 19.56
C LEU A 273 -30.85 -23.23 20.32
N GLU A 274 -31.35 -24.30 19.72
CA GLU A 274 -32.24 -25.20 20.45
C GLU A 274 -31.63 -25.77 21.72
N LYS A 275 -30.31 -25.84 21.73
CA LYS A 275 -29.50 -26.32 22.85
C LYS A 275 -29.57 -27.82 22.96
N SER A 276 -30.13 -28.48 21.93
CA SER A 276 -30.12 -29.93 21.93
C SER A 276 -28.94 -29.95 20.97
N GLN A 277 -29.04 -29.10 19.95
CA GLN A 277 -28.02 -28.83 18.97
C GLN A 277 -26.94 -27.91 19.51
N GLN A 278 -27.26 -27.16 20.57
CA GLN A 278 -26.22 -26.39 21.26
C GLN A 278 -24.95 -27.19 21.47
N THR A 279 -25.13 -28.49 21.64
CA THR A 279 -24.03 -29.38 21.91
C THR A 279 -23.85 -30.40 20.77
N LYS A 280 -24.60 -30.18 19.71
CA LYS A 280 -24.42 -30.94 18.50
C LYS A 280 -23.04 -30.60 17.89
N GLN A 281 -22.22 -31.61 17.64
CA GLN A 281 -20.96 -31.41 16.94
C GLN A 281 -21.23 -30.76 15.55
N THR A 282 -20.79 -29.52 15.38
CA THR A 282 -21.07 -28.71 14.19
C THR A 282 -20.85 -29.37 12.85
N LEU A 283 -19.63 -29.87 12.64
CA LEU A 283 -19.25 -30.57 11.43
C LEU A 283 -19.20 -32.06 11.71
N THR A 284 -19.64 -32.86 10.75
CA THR A 284 -19.48 -34.31 10.87
C THR A 284 -18.02 -34.68 10.74
N ASP A 285 -17.58 -35.66 11.53
CA ASP A 285 -16.20 -36.18 11.42
C ASP A 285 -15.78 -36.33 9.96
N GLN A 286 -16.75 -36.70 9.13
CA GLN A 286 -16.45 -36.88 7.73
C GLN A 286 -16.40 -35.52 7.02
N GLN A 287 -17.19 -34.55 7.47
CA GLN A 287 -17.11 -33.22 6.88
C GLN A 287 -15.76 -32.61 7.29
N ILE A 288 -15.32 -32.99 8.49
CA ILE A 288 -14.10 -32.48 9.05
C ILE A 288 -12.92 -32.86 8.17
N ILE A 289 -12.69 -34.16 7.99
CA ILE A 289 -11.65 -34.58 7.05
C ILE A 289 -11.84 -33.94 5.68
N GLN A 290 -13.10 -33.77 5.24
CA GLN A 290 -13.34 -33.13 3.95
C GLN A 290 -12.75 -31.73 3.97
N LEU A 291 -13.22 -30.87 4.88
CA LEU A 291 -12.71 -29.50 4.94
C LEU A 291 -11.18 -29.49 5.15
N ALA A 292 -10.64 -30.53 5.80
CA ALA A 292 -9.21 -30.63 6.00
C ALA A 292 -8.45 -30.65 4.68
N LYS A 293 -8.79 -31.59 3.79
CA LYS A 293 -8.13 -31.70 2.49
C LYS A 293 -8.24 -30.35 1.76
N LEU A 294 -9.46 -29.82 1.72
CA LEU A 294 -9.72 -28.53 1.07
C LEU A 294 -8.77 -27.45 1.59
N GLY A 295 -8.62 -27.38 2.90
CA GLY A 295 -7.83 -26.33 3.49
C GLY A 295 -6.41 -26.61 3.13
N ARG A 296 -6.13 -27.86 2.76
CA ARG A 296 -4.76 -28.21 2.49
C ARG A 296 -4.51 -28.30 1.00
N LYS A 297 -5.57 -28.45 0.20
CA LYS A 297 -5.43 -28.26 -1.23
C LYS A 297 -5.03 -26.79 -1.47
N ILE A 298 -5.75 -25.89 -0.82
CA ILE A 298 -5.52 -24.45 -0.91
C ILE A 298 -4.12 -24.11 -0.44
N GLU A 299 -3.67 -24.79 0.61
CA GLU A 299 -2.35 -24.56 1.16
C GLU A 299 -1.24 -24.83 0.14
N ALA A 300 -1.47 -25.87 -0.65
CA ALA A 300 -0.54 -26.29 -1.70
C ALA A 300 -0.26 -25.13 -2.62
N TYR A 301 -1.32 -24.58 -3.22
CA TYR A 301 -1.09 -23.53 -4.22
C TYR A 301 -0.32 -22.35 -3.61
N PHE A 302 -0.74 -21.68 -2.56
CA PHE A 302 0.04 -20.58 -2.01
C PHE A 302 1.45 -21.01 -1.62
N GLY A 303 1.61 -22.31 -1.34
CA GLY A 303 2.83 -22.85 -0.76
C GLY A 303 2.90 -22.54 0.72
N LYS A 304 2.60 -21.29 1.08
CA LYS A 304 2.70 -21.09 2.55
C LYS A 304 1.33 -21.17 3.26
N PRO A 305 1.42 -21.37 4.59
CA PRO A 305 0.25 -21.64 5.42
C PRO A 305 -0.78 -20.50 5.48
N GLN A 306 -2.04 -20.91 5.55
CA GLN A 306 -3.19 -20.03 5.33
C GLN A 306 -4.16 -19.86 6.51
N ASP A 307 -5.06 -18.90 6.37
CA ASP A 307 -6.04 -18.48 7.37
C ASP A 307 -7.42 -18.41 6.69
N ILE A 308 -8.14 -19.51 6.72
CA ILE A 308 -9.25 -19.69 5.79
C ILE A 308 -10.62 -19.46 6.43
N GLU A 309 -11.28 -18.33 6.17
CA GLU A 309 -12.68 -18.21 6.61
C GLU A 309 -13.44 -19.09 5.66
N TRP A 310 -14.43 -19.82 6.16
CA TRP A 310 -15.23 -20.67 5.30
C TRP A 310 -16.69 -20.70 5.72
N CYS A 311 -17.49 -21.40 4.93
CA CYS A 311 -18.86 -21.70 5.31
C CYS A 311 -19.35 -22.90 4.54
N LEU A 312 -20.49 -23.42 4.96
CA LEU A 312 -21.01 -24.70 4.53
C LEU A 312 -22.46 -24.53 4.18
N ALA A 313 -22.75 -24.42 2.88
CA ALA A 313 -24.12 -24.24 2.42
C ALA A 313 -24.53 -25.45 1.58
N GLU A 314 -25.73 -25.95 1.87
CA GLU A 314 -26.35 -27.04 1.10
C GLU A 314 -25.50 -28.29 1.04
N GLY A 315 -24.39 -28.29 1.76
CA GLY A 315 -23.44 -29.38 1.67
C GLY A 315 -22.21 -29.00 0.85
N ALA A 316 -22.12 -27.73 0.48
CA ALA A 316 -20.94 -27.28 -0.25
C ALA A 316 -20.03 -26.40 0.63
N PHE A 317 -18.71 -26.56 0.48
CA PHE A 317 -17.81 -25.70 1.23
C PHE A 317 -17.34 -24.58 0.34
N TYR A 318 -17.61 -23.35 0.77
CA TYR A 318 -17.09 -22.20 0.07
C TYR A 318 -15.98 -21.50 0.85
N ILE A 319 -15.02 -20.94 0.14
CA ILE A 319 -13.99 -20.15 0.78
C ILE A 319 -14.36 -18.67 0.72
N VAL A 320 -14.61 -18.07 1.85
CA VAL A 320 -14.95 -16.69 1.92
C VAL A 320 -13.75 -15.77 1.85
N GLN A 321 -12.66 -16.17 2.43
CA GLN A 321 -11.47 -15.37 2.44
C GLN A 321 -10.33 -16.30 2.58
N SER A 322 -9.16 -15.86 2.20
CA SER A 322 -7.96 -16.58 2.49
C SER A 322 -6.91 -15.58 2.74
N ARG A 323 -6.11 -15.84 3.73
CA ARG A 323 -5.07 -14.95 4.11
C ARG A 323 -3.85 -15.80 4.16
N PRO A 324 -2.67 -15.11 4.49
CA PRO A 324 -1.62 -15.97 4.99
C PRO A 324 -1.31 -15.59 6.41
N ILE A 325 -0.70 -16.45 7.21
CA ILE A 325 -0.31 -16.07 8.57
C ILE A 325 1.13 -15.69 8.47
N THR A 326 1.70 -14.94 9.40
CA THR A 326 1.10 -14.51 10.64
C THR A 326 -0.26 -13.89 10.41
N GLY B 11 41.38 6.03 3.95
CA GLY B 11 41.35 4.82 4.78
C GLY B 11 40.39 4.93 5.97
N SER B 12 40.93 5.13 7.18
CA SER B 12 40.19 4.88 8.42
C SER B 12 38.86 5.63 8.51
N MET B 13 38.86 6.90 8.10
CA MET B 13 37.77 7.79 8.42
C MET B 13 36.63 7.77 7.42
N LYS B 14 35.42 7.50 7.92
CA LYS B 14 34.24 7.38 7.07
C LYS B 14 33.59 8.74 6.89
N PRO B 15 33.35 9.13 5.63
CA PRO B 15 32.77 10.44 5.30
C PRO B 15 31.34 10.59 5.78
N TYR B 16 30.94 11.83 6.08
CA TYR B 16 29.60 12.17 6.55
C TYR B 16 28.70 12.57 5.38
N VAL B 17 29.32 13.02 4.30
CA VAL B 17 28.58 13.47 3.13
C VAL B 17 29.30 13.07 1.86
N LEU B 18 28.54 12.88 0.79
CA LEU B 18 29.12 12.50 -0.50
C LEU B 18 28.31 13.07 -1.65
N LYS B 19 28.93 13.88 -2.47
CA LYS B 19 28.27 14.36 -3.67
C LYS B 19 28.02 13.12 -4.53
N PHE B 20 27.02 13.16 -5.37
CA PHE B 20 26.70 12.03 -6.19
C PHE B 20 27.86 11.81 -7.11
N GLN B 21 28.40 12.89 -7.62
CA GLN B 21 29.43 12.83 -8.63
C GLN B 21 30.60 12.09 -8.08
N GLU B 22 30.87 12.37 -6.81
CA GLU B 22 32.04 12.00 -6.07
C GLU B 22 31.84 10.68 -5.44
N ILE B 23 30.80 9.96 -5.84
CA ILE B 23 30.54 8.68 -5.26
C ILE B 23 30.80 7.61 -6.27
N ARG B 24 31.28 6.51 -5.76
CA ARG B 24 31.62 5.37 -6.55
C ARG B 24 31.59 4.21 -5.56
N PRO B 25 31.54 2.92 -6.08
CA PRO B 25 31.23 1.89 -5.07
C PRO B 25 32.41 1.69 -4.19
N HIS B 26 32.23 1.10 -3.02
CA HIS B 26 30.94 0.63 -2.59
C HIS B 26 31.10 0.53 -1.10
N SER B 27 30.40 1.36 -0.33
CA SER B 27 29.41 2.36 -0.75
C SER B 27 27.95 2.03 -1.02
N GLU B 28 27.56 0.78 -0.85
CA GLU B 28 26.22 0.25 -0.58
C GLU B 28 25.85 0.35 0.90
N ALA B 29 26.86 0.43 1.74
CA ALA B 29 26.65 0.45 3.17
C ALA B 29 26.93 1.76 3.75
N LEU B 30 27.30 2.71 2.93
CA LEU B 30 27.63 4.02 3.39
C LEU B 30 26.48 4.89 3.08
N VAL B 31 25.98 4.73 1.87
CA VAL B 31 24.97 5.59 1.30
C VAL B 31 23.67 4.93 0.91
N GLY B 32 23.59 3.63 0.96
CA GLY B 32 22.37 2.95 0.57
C GLY B 32 22.23 2.74 -0.92
N GLY B 33 21.19 2.04 -1.30
CA GLY B 33 20.99 1.66 -2.67
C GLY B 33 20.76 2.79 -3.59
N LYS B 34 20.00 3.72 -3.11
CA LYS B 34 19.63 4.86 -3.88
C LYS B 34 20.84 5.70 -4.26
N GLY B 35 21.78 5.83 -3.34
CA GLY B 35 23.02 6.54 -3.60
C GLY B 35 23.91 5.96 -4.66
N MET B 36 24.15 4.66 -4.63
CA MET B 36 25.01 4.15 -5.68
C MET B 36 24.30 4.24 -6.99
N ASN B 37 23.05 3.77 -7.01
CA ASN B 37 22.32 3.82 -8.25
C ASN B 37 22.36 5.25 -8.56
N LEU B 38 22.03 6.08 -7.60
CA LEU B 38 22.03 7.50 -7.84
C LEU B 38 23.41 7.97 -8.17
N GLY B 39 24.40 7.48 -7.47
CA GLY B 39 25.76 7.90 -7.76
C GLY B 39 26.29 7.41 -9.08
N ALA B 40 26.04 6.14 -9.30
CA ALA B 40 26.52 5.47 -10.47
C ALA B 40 26.04 6.21 -11.67
N CYS B 41 24.80 6.65 -11.67
CA CYS B 41 24.29 7.42 -12.76
C CYS B 41 25.09 8.67 -12.83
N SER B 42 25.65 9.09 -11.71
CA SER B 42 26.39 10.30 -11.70
C SER B 42 27.63 10.26 -12.52
N ASN B 43 28.31 9.12 -12.49
CA ASN B 43 29.50 8.99 -13.29
C ASN B 43 29.16 8.57 -14.71
N ILE B 44 28.42 9.40 -15.42
CA ILE B 44 28.08 9.13 -16.79
C ILE B 44 27.54 10.43 -17.33
N GLU B 45 27.52 10.54 -18.64
CA GLU B 45 26.93 11.66 -19.30
C GLU B 45 27.02 11.10 -20.67
N GLY B 46 26.19 11.53 -21.60
CA GLY B 46 25.20 12.52 -21.38
C GLY B 46 23.87 12.09 -20.82
N VAL B 47 23.87 11.78 -19.54
CA VAL B 47 22.68 11.48 -18.81
C VAL B 47 22.87 12.39 -17.64
N HIS B 48 21.96 13.34 -17.49
CA HIS B 48 22.02 14.32 -16.43
C HIS B 48 21.42 13.86 -15.11
N VAL B 49 21.63 14.63 -14.05
CA VAL B 49 21.10 14.30 -12.75
C VAL B 49 21.06 15.62 -12.01
N PRO B 50 20.22 15.76 -10.99
CA PRO B 50 20.28 17.04 -10.28
C PRO B 50 21.51 17.07 -9.43
N ALA B 51 22.06 18.23 -9.17
CA ALA B 51 23.20 18.32 -8.29
C ALA B 51 22.75 18.07 -6.91
N GLY B 52 23.60 17.54 -6.06
CA GLY B 52 23.22 17.26 -4.70
C GLY B 52 24.25 16.41 -4.06
N PHE B 53 23.92 15.87 -2.91
CA PHE B 53 24.86 15.15 -2.14
C PHE B 53 24.11 14.14 -1.33
N CYS B 54 24.81 13.34 -0.57
CA CYS B 54 24.19 12.22 0.12
C CYS B 54 24.69 12.06 1.57
N LEU B 55 23.92 12.54 2.54
CA LEU B 55 24.27 12.34 3.96
C LEU B 55 24.38 10.85 4.19
N THR B 56 25.25 10.45 5.13
CA THR B 56 25.69 9.06 5.25
C THR B 56 25.04 8.33 6.40
N THR B 57 25.06 6.99 6.33
CA THR B 57 24.87 6.13 7.49
C THR B 57 25.73 6.63 8.63
N GLU B 58 26.91 7.14 8.29
CA GLU B 58 27.87 7.60 9.29
C GLU B 58 27.34 8.80 10.04
N ALA B 59 26.59 9.62 9.35
CA ALA B 59 25.98 10.75 9.95
C ALA B 59 25.04 10.28 10.99
N TYR B 60 24.41 9.17 10.72
CA TYR B 60 23.45 8.59 11.62
C TYR B 60 24.06 8.03 12.89
N LYS B 61 25.15 7.29 12.73
CA LYS B 61 25.74 6.61 13.84
C LYS B 61 26.24 7.65 14.79
N ARG B 62 27.00 8.59 14.26
CA ARG B 62 27.60 9.65 15.04
C ARG B 62 26.54 10.37 15.83
N THR B 63 25.40 10.56 15.21
CA THR B 63 24.31 11.23 15.87
C THR B 63 23.57 10.41 16.90
N LEU B 64 23.25 9.17 16.56
CA LEU B 64 22.40 8.35 17.44
C LEU B 64 23.10 7.23 18.17
N ALA B 65 24.22 6.78 17.63
CA ALA B 65 24.96 5.72 18.25
C ALA B 65 25.36 6.23 19.60
N GLU B 66 25.86 7.46 19.56
CA GLU B 66 26.33 8.17 20.74
C GLU B 66 25.36 7.97 21.88
N ASN B 67 24.11 8.39 21.69
CA ASN B 67 23.16 8.21 22.78
C ASN B 67 23.05 6.71 22.76
N ASN B 68 23.01 6.10 23.92
CA ASN B 68 22.94 6.89 25.10
C ASN B 68 21.93 7.61 25.96
N GLU B 69 20.67 7.58 25.62
CA GLU B 69 19.27 7.31 25.91
C GLU B 69 18.71 6.47 24.80
N PHE B 70 19.13 6.78 23.59
CA PHE B 70 18.65 6.05 22.46
C PHE B 70 19.07 4.63 22.66
N THR B 71 20.29 4.43 23.11
CA THR B 71 20.77 3.07 23.29
C THR B 71 19.98 2.32 24.31
N GLN B 72 19.68 2.96 25.42
CA GLN B 72 18.94 2.28 26.44
C GLN B 72 17.58 1.91 25.89
N LEU B 73 16.93 2.83 25.18
CA LEU B 73 15.61 2.56 24.65
C LEU B 73 15.61 1.45 23.63
N LEU B 74 16.57 1.48 22.76
CA LEU B 74 16.65 0.49 21.73
C LEU B 74 16.91 -0.81 22.37
N GLN B 75 17.72 -0.76 23.40
CA GLN B 75 18.14 -1.95 24.06
C GLN B 75 16.95 -2.62 24.61
N ARG B 76 16.12 -1.84 25.28
CA ARG B 76 14.92 -2.43 25.83
C ARG B 76 13.92 -2.88 24.80
N LEU B 77 13.77 -2.17 23.69
CA LEU B 77 12.79 -2.60 22.70
C LEU B 77 13.22 -3.95 22.26
N SER B 78 14.48 -4.11 21.95
CA SER B 78 14.91 -5.44 21.54
C SER B 78 14.11 -5.95 20.37
N ILE B 88 4.36 -2.41 21.08
CA ILE B 88 5.57 -1.81 20.55
C ILE B 88 5.34 -0.34 20.31
N ARG B 89 4.18 -0.09 19.71
CA ARG B 89 3.71 1.22 19.27
C ARG B 89 4.05 2.43 20.12
N GLU B 90 3.94 2.31 21.43
CA GLU B 90 4.19 3.45 22.31
C GLU B 90 5.66 3.73 22.43
N ILE B 91 6.42 2.65 22.55
CA ILE B 91 7.85 2.80 22.66
C ILE B 91 8.43 3.33 21.38
N SER B 92 7.89 2.87 20.28
CA SER B 92 8.38 3.30 19.00
C SER B 92 8.15 4.77 18.93
N GLU B 93 7.04 5.21 19.48
CA GLU B 93 6.70 6.59 19.44
C GLU B 93 7.77 7.33 20.14
N THR B 94 8.17 6.80 21.28
CA THR B 94 9.22 7.45 22.03
C THR B 94 10.52 7.55 21.25
N ILE B 95 10.90 6.48 20.58
CA ILE B 95 12.11 6.51 19.79
C ILE B 95 12.01 7.56 18.71
N ARG B 96 10.88 7.62 18.03
CA ARG B 96 10.75 8.53 16.92
C ARG B 96 10.91 9.89 17.45
N THR B 97 10.30 10.09 18.60
CA THR B 97 10.22 11.37 19.23
C THR B 97 11.61 11.89 19.61
N LEU B 98 12.42 11.01 20.17
CA LEU B 98 13.77 11.38 20.56
C LEU B 98 14.57 11.70 19.34
N ILE B 99 14.35 10.93 18.29
CA ILE B 99 15.06 11.17 17.05
C ILE B 99 14.74 12.53 16.50
N GLN B 100 13.48 12.93 16.55
CA GLN B 100 13.13 14.24 16.09
C GLN B 100 13.76 15.32 16.95
N HIS B 101 13.86 15.12 18.26
CA HIS B 101 14.57 16.14 19.07
C HIS B 101 16.05 15.95 19.31
N THR B 102 16.60 14.82 18.92
CA THR B 102 18.04 14.59 18.94
C THR B 102 18.67 15.42 17.84
N GLN B 103 19.19 16.59 18.19
CA GLN B 103 19.68 17.52 17.20
C GLN B 103 20.99 17.05 16.57
N ILE B 104 21.22 17.45 15.33
CA ILE B 104 22.36 16.97 14.54
C ILE B 104 23.63 17.80 14.84
N PRO B 105 24.67 17.12 15.37
CA PRO B 105 25.84 17.74 16.00
C PRO B 105 26.53 18.79 15.13
N SER B 106 26.83 19.94 15.74
CA SER B 106 27.61 21.05 15.16
C SER B 106 28.73 20.71 14.20
N GLU B 107 29.37 19.58 14.45
CA GLU B 107 30.47 19.07 13.65
C GLU B 107 30.00 18.65 12.28
N ILE B 108 29.24 17.55 12.22
CA ILE B 108 28.69 17.01 10.98
C ILE B 108 27.95 18.07 10.15
N ALA B 109 27.14 18.88 10.81
CA ALA B 109 26.43 19.93 10.12
C ALA B 109 27.38 20.83 9.36
N SER B 110 28.66 20.81 9.73
CA SER B 110 29.63 21.70 9.10
C SER B 110 30.32 21.10 7.90
N TYR B 111 30.30 19.77 7.77
CA TYR B 111 30.60 19.17 6.47
C TYR B 111 29.43 19.45 5.56
N MET B 112 28.26 19.33 6.15
CA MET B 112 27.03 19.48 5.45
C MET B 112 26.90 20.85 4.94
N ASP B 113 27.20 21.84 5.74
CA ASP B 113 27.11 23.21 5.30
C ASP B 113 28.04 23.42 4.15
N ALA B 114 29.20 22.83 4.16
CA ALA B 114 30.14 23.03 3.08
C ALA B 114 29.74 22.45 1.76
N THR B 115 29.33 21.21 1.78
CA THR B 115 28.97 20.50 0.58
C THR B 115 27.84 21.10 -0.09
N LEU B 116 26.89 21.48 0.69
CA LEU B 116 25.68 22.02 0.18
C LEU B 116 25.91 23.29 -0.53
N LEU B 117 26.79 24.09 0.01
CA LEU B 117 27.03 25.39 -0.52
C LEU B 117 27.56 25.37 -1.89
N ASP B 118 28.14 24.26 -2.30
CA ASP B 118 28.68 24.18 -3.64
C ASP B 118 27.56 24.37 -4.62
N VAL B 119 26.41 23.81 -4.29
CA VAL B 119 25.22 23.84 -5.14
C VAL B 119 24.41 25.11 -5.54
N GLY B 120 24.07 26.04 -4.66
CA GLY B 120 24.31 26.03 -3.24
C GLY B 120 23.43 26.95 -2.41
N GLY B 121 23.54 26.75 -1.12
CA GLY B 121 22.86 27.56 -0.15
C GLY B 121 21.60 26.95 0.23
N TYR B 122 21.18 27.17 1.46
CA TYR B 122 19.94 26.63 1.94
C TYR B 122 18.80 27.39 1.33
N GLU B 123 19.10 28.31 0.44
CA GLU B 123 18.10 29.11 -0.21
C GLU B 123 17.72 28.56 -1.56
N MET B 124 18.11 27.31 -1.82
CA MET B 124 17.77 26.63 -3.06
C MET B 124 17.02 25.42 -2.62
N PRO B 125 15.79 25.23 -3.20
CA PRO B 125 15.03 24.08 -2.71
C PRO B 125 15.59 22.72 -3.00
N PHE B 126 15.37 21.83 -2.05
CA PHE B 126 15.81 20.46 -2.12
C PHE B 126 14.69 19.47 -1.94
N ALA B 127 14.71 18.44 -2.78
CA ALA B 127 14.01 17.19 -2.52
C ALA B 127 14.89 16.34 -1.63
N VAL B 128 14.40 16.03 -0.44
CA VAL B 128 15.02 15.06 0.46
C VAL B 128 14.38 13.68 0.23
N ARG B 129 15.19 12.65 -0.04
CA ARG B 129 14.65 11.31 -0.28
C ARG B 129 15.27 10.38 0.77
N SER B 130 15.30 9.07 0.55
CA SER B 130 16.03 8.21 1.50
C SER B 130 16.77 7.11 0.78
N SER B 131 17.64 6.42 1.49
CA SER B 131 18.37 5.34 0.92
C SER B 131 18.78 4.44 2.03
N ALA B 132 18.86 3.15 1.75
CA ALA B 132 19.15 2.18 2.77
C ALA B 132 19.73 1.02 2.05
N THR B 133 20.32 0.10 2.79
CA THR B 133 20.79 -1.15 2.25
C THR B 133 20.12 -2.34 2.90
N ALA B 134 19.04 -2.08 3.60
CA ALA B 134 18.30 -3.12 4.23
C ALA B 134 16.96 -2.49 4.33
N GLU B 135 15.93 -3.28 4.63
CA GLU B 135 14.56 -2.81 4.88
C GLU B 135 13.64 -2.85 3.67
N HIS B 146 5.62 6.90 2.18
CA HIS B 146 6.05 8.20 1.70
C HIS B 146 7.47 8.19 1.22
N ASP B 147 7.64 8.09 -0.08
CA ASP B 147 8.94 8.01 -0.70
C ASP B 147 9.76 9.24 -0.57
N THR B 148 9.16 10.40 -0.76
CA THR B 148 9.94 11.57 -1.06
C THR B 148 9.37 12.85 -0.54
N TYR B 149 10.22 13.80 -0.15
CA TYR B 149 9.79 15.11 0.28
C TYR B 149 10.32 16.15 -0.66
N LEU B 150 9.49 17.03 -1.17
CA LEU B 150 9.85 17.87 -2.26
C LEU B 150 9.81 19.27 -1.82
N ASN B 151 10.57 20.11 -2.46
CA ASN B 151 10.59 21.50 -2.12
C ASN B 151 10.80 21.85 -0.66
N ILE B 152 11.84 21.33 -0.04
CA ILE B 152 12.25 21.78 1.27
C ILE B 152 13.16 22.92 1.05
N ILE B 153 12.92 24.00 1.76
CA ILE B 153 13.71 25.21 1.69
C ILE B 153 14.25 25.59 3.04
N GLY B 154 15.52 25.86 3.13
CA GLY B 154 16.10 26.35 4.34
C GLY B 154 16.70 25.29 5.20
N LYS B 155 17.75 25.63 5.91
CA LYS B 155 18.45 24.63 6.70
C LYS B 155 17.64 24.10 7.83
N ASP B 156 16.94 24.95 8.53
CA ASP B 156 16.17 24.48 9.66
C ASP B 156 15.12 23.51 9.18
N ALA B 157 14.47 23.83 8.07
CA ALA B 157 13.52 22.93 7.44
C ALA B 157 14.14 21.66 6.92
N LEU B 158 15.31 21.78 6.34
CA LEU B 158 16.04 20.66 5.82
C LEU B 158 16.48 19.68 6.88
N LEU B 159 16.90 20.19 8.01
CA LEU B 159 17.33 19.34 9.10
C LEU B 159 16.19 18.55 9.63
N GLN B 160 15.04 19.16 9.66
CA GLN B 160 13.87 18.51 10.13
C GLN B 160 13.56 17.34 9.26
N HIS B 161 13.61 17.55 7.97
CA HIS B 161 13.30 16.51 7.05
C HIS B 161 14.28 15.45 7.07
N ILE B 162 15.52 15.75 7.41
CA ILE B 162 16.52 14.71 7.52
C ILE B 162 16.16 13.75 8.64
N SER B 163 15.79 14.27 9.80
CA SER B 163 15.44 13.41 10.92
C SER B 163 14.20 12.65 10.63
N MET B 164 13.22 13.34 10.12
CA MET B 164 11.99 12.66 9.75
C MET B 164 12.35 11.37 9.04
N CYS B 165 13.29 11.45 8.13
CA CYS B 165 13.82 10.28 7.45
C CYS B 165 14.37 9.26 8.45
N TRP B 166 15.19 9.74 9.37
CA TRP B 166 15.79 8.87 10.37
C TRP B 166 14.68 8.21 11.15
N ALA B 167 13.75 9.04 11.62
CA ALA B 167 12.59 8.59 12.39
C ALA B 167 11.77 7.50 11.68
N SER B 168 11.97 7.34 10.37
CA SER B 168 11.23 6.36 9.60
C SER B 168 11.52 4.90 9.98
N LEU B 169 12.72 4.62 10.47
CA LEU B 169 13.14 3.23 10.75
C LEU B 169 12.36 2.60 11.93
N PHE B 170 11.71 3.44 12.71
CA PHE B 170 11.09 2.99 13.95
C PHE B 170 9.61 3.34 13.87
N THR B 171 9.00 3.04 12.74
CA THR B 171 7.68 2.77 12.20
C THR B 171 7.13 1.58 12.96
N GLU B 172 6.07 1.45 13.75
CA GLU B 172 5.50 0.14 14.07
C GLU B 172 5.49 -0.74 12.81
N ARG B 173 4.85 -0.27 11.75
CA ARG B 173 4.80 -1.02 10.50
C ARG B 173 6.18 -1.45 10.04
N ALA B 174 7.20 -0.66 10.37
CA ALA B 174 8.57 -0.98 9.97
C ALA B 174 9.19 -1.89 11.02
N ILE B 175 8.86 -1.68 12.28
CA ILE B 175 9.38 -2.55 13.30
C ILE B 175 8.89 -3.97 13.14
N ILE B 176 7.62 -4.13 12.81
CA ILE B 176 7.05 -5.47 12.71
C ILE B 176 7.83 -6.21 11.66
N TYR B 177 8.12 -5.55 10.56
CA TYR B 177 8.87 -6.17 9.52
C TYR B 177 10.21 -6.49 10.11
N ARG B 178 10.67 -5.61 10.99
CA ARG B 178 11.97 -5.75 11.61
C ARG B 178 12.08 -6.96 12.42
N ILE B 179 11.08 -7.20 13.24
CA ILE B 179 11.14 -8.34 14.11
C ILE B 179 11.17 -9.64 13.38
N GLN B 180 10.33 -9.72 12.40
CA GLN B 180 10.10 -10.96 11.73
C GLN B 180 10.84 -11.39 10.51
N ASN B 181 11.92 -10.73 10.10
CA ASN B 181 12.60 -11.21 8.90
C ASN B 181 14.01 -11.76 8.87
N GLN B 182 14.85 -11.68 9.90
CA GLN B 182 14.61 -11.09 11.19
C GLN B 182 15.85 -10.27 11.27
N PHE B 183 15.79 -8.95 11.37
CA PHE B 183 17.03 -8.18 11.42
C PHE B 183 17.17 -7.55 12.79
N ASP B 184 18.38 -7.52 13.35
CA ASP B 184 18.44 -6.96 14.69
C ASP B 184 18.24 -5.45 14.66
N HIS B 185 17.49 -4.95 15.64
CA HIS B 185 17.07 -3.55 15.63
C HIS B 185 18.22 -2.58 15.67
N ARG B 186 19.07 -2.72 16.68
CA ARG B 186 20.18 -1.81 16.96
C ARG B 186 21.34 -1.82 15.99
N LYS B 187 21.25 -2.67 14.99
CA LYS B 187 22.31 -2.78 14.01
C LYS B 187 22.04 -1.93 12.77
N VAL B 188 20.95 -1.17 12.76
CA VAL B 188 20.49 -0.57 11.53
C VAL B 188 20.57 0.93 11.48
N GLN B 189 20.86 1.38 10.26
CA GLN B 189 21.23 2.74 9.96
C GLN B 189 20.73 3.16 8.59
N LEU B 190 20.51 4.46 8.39
CA LEU B 190 19.91 4.99 7.19
C LEU B 190 20.72 6.09 6.46
N ALA B 191 20.61 6.17 5.13
CA ALA B 191 21.23 7.26 4.36
C ALA B 191 20.18 8.19 3.78
N VAL B 192 20.46 9.48 3.73
CA VAL B 192 19.47 10.39 3.20
C VAL B 192 19.99 11.12 1.98
N VAL B 193 19.18 11.13 0.92
CA VAL B 193 19.57 11.68 -0.38
C VAL B 193 19.05 13.08 -0.59
N ILE B 194 19.95 14.02 -0.87
CA ILE B 194 19.56 15.42 -1.06
C ILE B 194 19.84 15.90 -2.47
N GLN B 195 18.81 16.36 -3.18
CA GLN B 195 18.97 16.89 -4.55
C GLN B 195 18.52 18.33 -4.64
N GLN B 196 19.26 19.12 -5.40
CA GLN B 196 18.71 20.37 -5.89
C GLN B 196 17.46 19.93 -6.61
N MET B 197 16.34 20.58 -6.31
CA MET B 197 15.09 20.15 -6.92
C MET B 197 14.65 21.08 -8.04
N ILE B 198 14.85 20.63 -9.28
CA ILE B 198 14.28 21.31 -10.43
C ILE B 198 12.79 21.52 -10.23
N SER B 199 12.30 22.71 -10.59
CA SER B 199 10.87 22.89 -10.79
C SER B 199 10.65 22.64 -12.27
N PRO B 200 9.83 21.63 -12.62
CA PRO B 200 9.78 21.05 -13.96
C PRO B 200 8.48 21.29 -14.72
N GLU B 201 8.54 21.09 -16.04
CA GLU B 201 7.38 21.20 -16.92
C GLU B 201 6.58 19.91 -16.87
N ALA B 202 7.30 18.78 -16.82
CA ALA B 202 6.68 17.47 -16.73
C ALA B 202 7.57 16.45 -16.00
N SER B 203 6.93 15.48 -15.36
CA SER B 203 7.60 14.43 -14.61
C SER B 203 7.00 13.12 -15.02
N GLY B 204 7.45 12.03 -14.41
CA GLY B 204 6.81 10.76 -14.65
C GLY B 204 7.80 9.64 -14.62
N ILE B 205 7.33 8.42 -14.87
CA ILE B 205 8.17 7.25 -14.67
C ILE B 205 8.75 6.84 -16.00
N LEU B 206 9.60 5.81 -15.98
CA LEU B 206 10.02 5.10 -17.18
C LEU B 206 10.33 3.64 -16.83
N PHE B 207 10.07 2.73 -17.75
CA PHE B 207 10.42 1.33 -17.61
C PHE B 207 11.20 0.79 -18.78
N THR B 208 12.30 0.13 -18.49
CA THR B 208 13.10 -0.57 -19.46
C THR B 208 12.34 -1.73 -20.02
N ALA B 209 11.61 -2.43 -19.16
CA ALA B 209 10.71 -3.45 -19.63
C ALA B 209 9.48 -3.66 -18.77
N ASP B 210 8.32 -3.73 -19.39
CA ASP B 210 7.04 -4.02 -18.70
C ASP B 210 6.94 -3.54 -17.25
N THR B 213 4.91 -9.48 -15.91
CA THR B 213 5.94 -10.12 -16.70
C THR B 213 6.94 -9.10 -17.23
N SER B 214 7.95 -9.58 -17.94
CA SER B 214 8.87 -8.70 -18.61
C SER B 214 9.10 -9.15 -20.03
N ASN B 215 8.63 -8.40 -21.02
CA ASN B 215 9.04 -8.67 -22.37
C ASN B 215 10.51 -8.35 -22.45
N ARG B 216 10.82 -7.18 -21.92
CA ARG B 216 12.13 -6.57 -22.00
C ARG B 216 12.26 -5.87 -23.35
N LYS B 217 11.30 -6.10 -24.24
CA LYS B 217 11.14 -5.41 -25.52
C LYS B 217 10.67 -3.98 -25.43
N SER B 218 9.72 -3.79 -24.51
CA SER B 218 8.70 -2.78 -24.51
C SER B 218 8.88 -1.80 -23.43
N LEU B 219 8.95 -0.55 -23.78
CA LEU B 219 9.24 0.45 -22.80
C LEU B 219 8.02 1.24 -22.53
N SER B 220 7.67 1.36 -21.27
CA SER B 220 6.54 2.14 -20.93
C SER B 220 7.01 3.51 -20.55
N ILE B 221 6.08 4.40 -20.39
CA ILE B 221 6.33 5.77 -19.96
C ILE B 221 5.04 6.36 -19.40
N ASP B 222 5.10 6.98 -18.23
CA ASP B 222 3.97 7.73 -17.72
C ASP B 222 4.42 9.16 -17.54
N ALA B 223 3.70 10.11 -18.13
CA ALA B 223 4.18 11.47 -18.16
C ALA B 223 3.16 12.50 -17.68
N SER B 224 3.30 13.01 -16.46
CA SER B 224 2.35 14.04 -16.03
C SER B 224 2.93 15.45 -16.06
N PHE B 225 2.13 16.45 -15.77
CA PHE B 225 2.58 17.84 -15.68
C PHE B 225 2.88 18.21 -14.24
N GLY B 226 3.98 18.92 -13.99
CA GLY B 226 4.34 19.26 -12.64
C GLY B 226 5.18 18.18 -12.08
N LEU B 227 5.32 18.06 -10.78
CA LEU B 227 6.18 17.17 -10.05
C LEU B 227 5.69 15.81 -9.59
N GLY B 228 6.63 14.95 -9.24
CA GLY B 228 6.23 13.62 -8.88
C GLY B 228 6.54 13.08 -7.53
N GLU B 229 5.46 13.00 -6.77
CA GLU B 229 5.09 11.93 -5.88
C GLU B 229 3.92 11.18 -6.51
N ALA B 230 3.82 11.28 -7.81
CA ALA B 230 2.82 10.60 -8.57
C ALA B 230 3.68 9.67 -9.40
N LEU B 231 3.16 8.56 -9.89
CA LEU B 231 1.78 8.20 -9.72
C LEU B 231 1.50 7.67 -8.34
N VAL B 232 0.26 7.87 -7.94
CA VAL B 232 -0.24 7.44 -6.67
C VAL B 232 -0.50 5.97 -6.83
N LEU B 235 -3.64 8.92 -8.73
CA LEU B 235 -4.30 10.09 -8.12
C LEU B 235 -4.22 11.27 -9.07
N VAL B 236 -3.09 11.37 -9.74
CA VAL B 236 -2.92 12.35 -10.73
C VAL B 236 -3.01 11.49 -11.94
N SER B 237 -3.63 11.99 -13.01
CA SER B 237 -3.74 11.24 -14.23
C SER B 237 -2.52 11.49 -15.04
N ALA B 238 -1.97 10.42 -15.59
CA ALA B 238 -0.75 10.47 -16.36
C ALA B 238 -0.95 9.91 -17.74
N ASP B 239 -0.20 10.46 -18.67
CA ASP B 239 -0.18 9.90 -19.99
C ASP B 239 0.53 8.54 -19.88
N SER B 240 0.35 7.70 -20.91
CA SER B 240 1.08 6.45 -21.07
C SER B 240 1.54 6.32 -22.52
N TYR B 241 2.84 6.13 -22.70
CA TYR B 241 3.41 5.92 -24.01
C TYR B 241 3.98 4.53 -24.01
N THR B 242 4.16 3.95 -25.18
CA THR B 242 4.74 2.61 -25.32
C THR B 242 5.66 2.59 -26.48
N VAL B 243 6.93 2.70 -26.24
CA VAL B 243 7.84 2.85 -27.32
C VAL B 243 8.56 1.56 -27.39
N ARG B 244 8.73 1.07 -28.62
CA ARG B 244 9.45 -0.17 -28.87
C ARG B 244 10.40 -0.02 -30.05
N GLU B 245 11.69 -0.27 -29.84
CA GLU B 245 12.67 -0.19 -30.91
C GLU B 245 12.71 1.16 -31.62
N ASN B 246 12.51 2.24 -30.88
CA ASN B 246 12.53 3.59 -31.46
C ASN B 246 11.24 3.97 -32.20
N THR B 247 10.23 3.12 -32.12
CA THR B 247 8.94 3.38 -32.76
C THR B 247 7.86 3.43 -31.69
N ILE B 248 7.00 4.44 -31.75
CA ILE B 248 5.98 4.54 -30.74
C ILE B 248 4.88 3.59 -31.05
N THR B 249 4.73 2.60 -30.20
CA THR B 249 3.72 1.61 -30.35
C THR B 249 2.35 2.19 -30.09
N ASN B 250 2.19 2.90 -28.99
CA ASN B 250 0.85 3.40 -28.69
C ASN B 250 0.76 4.47 -27.58
N LYS B 251 0.09 5.56 -27.88
CA LYS B 251 -0.01 6.66 -26.93
C LYS B 251 -1.39 6.72 -26.26
N ILE B 252 -1.43 7.08 -24.98
CA ILE B 252 -2.67 7.35 -24.28
C ILE B 252 -2.63 8.76 -23.75
N ILE B 253 -3.36 9.69 -24.33
CA ILE B 253 -3.40 11.00 -23.70
C ILE B 253 -4.56 11.07 -22.70
N ALA B 254 -4.20 10.95 -21.42
CA ALA B 254 -5.11 11.14 -20.32
C ALA B 254 -5.58 12.58 -20.21
N THR B 255 -6.70 12.76 -19.51
CA THR B 255 -7.19 14.08 -19.21
C THR B 255 -6.68 14.50 -17.84
N LYS B 256 -5.55 15.21 -17.81
CA LYS B 256 -5.02 15.64 -16.52
C LYS B 256 -5.72 16.90 -16.14
N LYS B 257 -6.45 16.84 -15.04
CA LYS B 257 -7.11 18.02 -14.55
C LYS B 257 -6.31 18.58 -13.37
N LEU B 258 -5.39 17.77 -12.82
CA LEU B 258 -4.55 18.20 -11.69
C LEU B 258 -3.06 18.23 -12.01
N ALA B 259 -2.35 19.17 -11.39
CA ALA B 259 -0.91 19.25 -11.52
C ALA B 259 -0.22 19.69 -10.21
N ILE B 260 0.57 18.81 -9.61
CA ILE B 260 1.37 19.15 -8.42
C ILE B 260 2.43 20.22 -8.74
N TYR B 261 2.47 21.30 -8.00
CA TYR B 261 3.34 22.40 -8.31
C TYR B 261 3.91 22.84 -7.02
N SER B 262 5.00 23.58 -7.03
CA SER B 262 5.69 23.88 -5.80
C SER B 262 5.52 25.30 -5.36
N LEU B 263 5.21 25.51 -4.09
CA LEU B 263 5.09 26.82 -3.52
C LEU B 263 6.45 27.42 -3.43
N LYS B 264 6.60 28.71 -3.64
CA LYS B 264 7.89 29.33 -3.40
C LYS B 264 8.40 29.42 -1.96
N GLU B 265 7.63 29.93 -1.00
CA GLU B 265 7.03 29.61 0.27
C GLU B 265 6.60 28.18 0.24
N GLY B 266 6.91 27.14 0.98
CA GLY B 266 7.56 25.85 1.17
C GLY B 266 6.60 24.70 0.95
N GLY B 267 7.06 23.53 0.51
CA GLY B 267 6.17 22.41 0.24
C GLY B 267 5.57 22.31 -1.15
N THR B 268 4.48 21.58 -1.30
CA THR B 268 3.80 21.47 -2.59
C THR B 268 2.33 21.82 -2.49
N GLU B 269 1.77 22.28 -3.59
CA GLU B 269 0.36 22.64 -3.76
C GLU B 269 -0.26 21.84 -4.91
N THR B 270 -1.57 21.97 -5.10
CA THR B 270 -2.21 21.44 -6.30
C THR B 270 -2.79 22.56 -7.15
N ARG B 271 -2.58 22.51 -8.46
CA ARG B 271 -3.25 23.44 -9.37
C ARG B 271 -4.37 22.75 -10.16
N ILE B 272 -5.51 23.43 -10.32
CA ILE B 272 -6.44 22.99 -11.33
C ILE B 272 -5.84 23.45 -12.66
N LEU B 273 -5.52 22.50 -13.53
CA LEU B 273 -4.81 22.84 -14.76
C LEU B 273 -5.72 23.56 -15.74
N GLU B 274 -5.14 24.50 -16.47
CA GLU B 274 -5.86 25.27 -17.47
C GLU B 274 -6.77 24.37 -18.34
N LYS B 275 -7.88 24.92 -18.80
CA LYS B 275 -8.93 24.11 -19.43
C LYS B 275 -8.48 23.40 -20.72
N SER B 276 -7.60 24.03 -21.50
CA SER B 276 -7.19 23.48 -22.79
C SER B 276 -5.78 22.92 -22.77
N GLN B 277 -5.24 22.76 -21.57
CA GLN B 277 -3.99 22.05 -21.43
C GLN B 277 -4.22 20.64 -20.93
N GLN B 278 -5.43 20.39 -20.45
CA GLN B 278 -5.75 19.11 -19.80
C GLN B 278 -5.63 17.98 -20.78
N THR B 279 -6.08 18.23 -22.00
CA THR B 279 -6.15 17.21 -23.02
C THR B 279 -4.91 17.24 -23.89
N LYS B 280 -4.00 18.14 -23.57
CA LYS B 280 -2.74 18.36 -24.28
C LYS B 280 -1.83 17.17 -24.04
N GLN B 281 -1.29 16.53 -25.07
CA GLN B 281 -0.32 15.45 -24.87
C GLN B 281 0.92 15.93 -24.15
N THR B 282 1.23 15.31 -23.03
CA THR B 282 2.29 15.79 -22.15
C THR B 282 3.63 16.01 -22.88
N LEU B 283 4.14 14.95 -23.48
CA LEU B 283 5.40 14.99 -24.21
C LEU B 283 5.16 14.92 -25.71
N THR B 284 5.77 15.80 -26.49
CA THR B 284 5.65 15.69 -27.94
C THR B 284 6.18 14.34 -28.42
N ASP B 285 5.85 13.99 -29.66
CA ASP B 285 6.30 12.73 -30.25
C ASP B 285 7.82 12.59 -30.16
N GLN B 286 8.54 13.69 -30.44
CA GLN B 286 10.01 13.65 -30.50
C GLN B 286 10.61 13.30 -29.14
N GLN B 287 10.18 14.04 -28.11
CA GLN B 287 10.73 13.92 -26.76
C GLN B 287 10.57 12.51 -26.19
N ILE B 288 9.65 11.75 -26.78
CA ILE B 288 9.34 10.43 -26.29
C ILE B 288 10.40 9.41 -26.73
N ILE B 289 10.75 9.43 -28.01
CA ILE B 289 11.79 8.54 -28.50
C ILE B 289 13.12 8.96 -27.86
N GLN B 290 13.27 10.25 -27.59
CA GLN B 290 14.46 10.76 -26.91
C GLN B 290 14.65 10.18 -25.49
N LEU B 291 13.59 10.25 -24.69
CA LEU B 291 13.58 9.68 -23.34
C LEU B 291 13.66 8.16 -23.42
N ALA B 292 13.52 7.63 -24.64
CA ALA B 292 13.52 6.19 -24.87
C ALA B 292 14.92 5.67 -25.24
N LYS B 293 15.66 6.44 -26.02
CA LYS B 293 17.07 6.19 -26.22
C LYS B 293 17.71 6.26 -24.85
N LEU B 294 17.43 7.36 -24.16
CA LEU B 294 18.00 7.64 -22.84
C LEU B 294 17.64 6.59 -21.79
N GLY B 295 16.52 5.90 -21.97
CA GLY B 295 16.08 4.95 -20.97
C GLY B 295 16.66 3.59 -21.22
N ARG B 296 17.28 3.44 -22.39
CA ARG B 296 17.97 2.21 -22.73
C ARG B 296 19.44 2.36 -22.34
N LYS B 297 19.98 3.53 -22.58
CA LYS B 297 21.39 3.70 -22.36
C LYS B 297 21.60 3.36 -20.93
N ILE B 298 20.69 3.76 -20.08
CA ILE B 298 20.77 3.43 -18.69
C ILE B 298 20.70 1.94 -18.46
N GLU B 299 19.89 1.22 -19.20
CA GLU B 299 19.83 -0.21 -19.03
C GLU B 299 21.19 -0.73 -19.37
N ALA B 300 21.78 -0.13 -20.38
CA ALA B 300 23.05 -0.61 -20.84
C ALA B 300 24.06 -0.49 -19.76
N TYR B 301 24.20 0.72 -19.22
CA TYR B 301 25.19 1.02 -18.19
C TYR B 301 25.12 0.15 -16.94
N PHE B 302 23.92 -0.23 -16.59
CA PHE B 302 23.67 -1.00 -15.40
C PHE B 302 23.49 -2.46 -15.63
N GLY B 303 23.17 -2.81 -16.85
CA GLY B 303 22.98 -4.19 -17.24
C GLY B 303 21.73 -4.86 -16.71
N LYS B 304 20.81 -4.06 -16.21
CA LYS B 304 19.63 -4.57 -15.57
C LYS B 304 18.42 -3.83 -16.06
N PRO B 305 17.22 -4.48 -15.78
CA PRO B 305 16.04 -3.74 -16.23
C PRO B 305 15.73 -2.59 -15.28
N GLN B 306 15.63 -1.38 -15.84
CA GLN B 306 15.51 -0.19 -15.02
C GLN B 306 14.14 0.28 -14.59
N ASP B 307 14.16 1.22 -13.67
CA ASP B 307 12.97 1.81 -13.14
C ASP B 307 13.33 3.23 -12.87
N ILE B 308 13.58 3.93 -13.94
CA ILE B 308 13.89 5.35 -13.88
C ILE B 308 12.69 6.23 -13.51
N GLU B 309 12.98 7.31 -12.80
CA GLU B 309 12.07 8.42 -12.59
C GLU B 309 12.75 9.62 -13.24
N TRP B 310 11.98 10.50 -13.88
CA TRP B 310 12.58 11.55 -14.70
C TRP B 310 11.77 12.81 -14.64
N CYS B 311 12.38 13.93 -15.01
CA CYS B 311 11.60 15.15 -15.22
C CYS B 311 12.24 16.03 -16.30
N LEU B 312 11.39 16.73 -17.03
CA LEU B 312 11.79 17.53 -18.17
C LEU B 312 11.62 19.01 -17.80
N ALA B 313 12.74 19.70 -17.63
CA ALA B 313 12.72 21.15 -17.51
C ALA B 313 13.22 21.76 -18.80
N GLU B 314 12.32 22.43 -19.52
CA GLU B 314 12.61 23.09 -20.80
C GLU B 314 13.57 22.29 -21.71
N GLY B 315 13.06 21.23 -22.34
CA GLY B 315 13.84 20.47 -23.29
C GLY B 315 14.94 19.61 -22.68
N ALA B 316 15.24 19.80 -21.41
CA ALA B 316 16.32 19.05 -20.79
C ALA B 316 15.78 17.90 -20.00
N PHE B 317 16.33 16.71 -20.23
CA PHE B 317 15.87 15.54 -19.48
C PHE B 317 16.80 15.16 -18.35
N TYR B 318 16.34 15.34 -17.12
CA TYR B 318 17.12 14.98 -15.93
C TYR B 318 16.63 13.66 -15.36
N ILE B 319 17.47 12.95 -14.63
CA ILE B 319 17.05 11.71 -14.00
C ILE B 319 17.11 11.83 -12.47
N VAL B 320 15.99 11.56 -11.80
CA VAL B 320 15.86 11.88 -10.38
C VAL B 320 16.00 10.64 -9.48
N GLN B 321 15.72 9.47 -10.03
CA GLN B 321 15.94 8.18 -9.35
C GLN B 321 16.24 7.16 -10.42
N SER B 322 16.57 5.93 -10.01
CA SER B 322 16.73 4.80 -10.93
C SER B 322 16.98 3.52 -10.17
N ARG B 323 16.18 2.48 -10.40
CA ARG B 323 16.39 1.23 -9.67
C ARG B 323 16.03 -0.01 -10.48
N PRO B 324 16.81 -1.08 -10.31
CA PRO B 324 16.54 -2.33 -11.02
C PRO B 324 15.07 -2.77 -10.93
#